data_6NIQ
#
_entry.id   6NIQ
#
_cell.length_a   69.608
_cell.length_b   69.711
_cell.length_c   112.505
_cell.angle_alpha   90.00
_cell.angle_beta   90.00
_cell.angle_gamma   90.00
#
_symmetry.space_group_name_H-M   'P 21 21 21'
#
loop_
_entity.id
_entity.type
_entity.pdbx_description
1 polymer Beta-lactamase
2 non-polymer 'TETRAETHYLENE GLYCOL'
3 non-polymer DI(HYDROXYETHYL)ETHER
4 non-polymer 'FORMIC ACID'
5 non-polymer 1,2-ETHANEDIOL
6 non-polymer 'CHLORIDE ION'
7 water water
#
_entity_poly.entity_id   1
_entity_poly.type   'polypeptide(L)'
_entity_poly.pdbx_seq_one_letter_code
;SNAADALADMCARLEAGSGGRLGVGVLDTASGRMIGHRLDDRFPMCSTFKVLAAGLVLARVDRKQENLDRRVSYAKSDLV
TYSPATEKHVEDGMTIAELCEAAITLSDNTAANLLLASFGGPAGLTAFARSLGDETTRLDRIETELNEALAGDPRDTTSP
RAMAQDLRALTLGDALSPASRAQLITWLKANTTGGTRLRAGVPPGWTVGDKTGTGGRGTANDIAVLWPLQRAPLIVTVYL
TGATVVRDQQNKIIADVGAAVAGAMHG
;
_entity_poly.pdbx_strand_id   A,B
#
loop_
_chem_comp.id
_chem_comp.type
_chem_comp.name
_chem_comp.formula
CL non-polymer 'CHLORIDE ION' 'Cl -1'
EDO non-polymer 1,2-ETHANEDIOL 'C2 H6 O2'
FMT non-polymer 'FORMIC ACID' 'C H2 O2'
PEG non-polymer DI(HYDROXYETHYL)ETHER 'C4 H10 O3'
PG4 non-polymer 'TETRAETHYLENE GLYCOL' 'C8 H18 O5'
#
# COMPACT_ATOMS: atom_id res chain seq x y z
N SER A 1 19.72 2.69 -14.28
CA SER A 1 19.64 4.16 -14.28
C SER A 1 19.42 4.60 -15.69
N ASN A 2 20.07 3.95 -16.67
CA ASN A 2 19.93 4.47 -18.02
C ASN A 2 18.48 4.46 -18.50
N ALA A 3 17.71 3.40 -18.18
CA ALA A 3 16.31 3.35 -18.61
C ALA A 3 15.46 4.42 -17.92
N ALA A 4 15.69 4.60 -16.62
CA ALA A 4 15.04 5.68 -15.88
C ALA A 4 15.41 7.05 -16.46
N ASP A 5 16.72 7.29 -16.70
CA ASP A 5 17.15 8.60 -17.19
C ASP A 5 16.59 8.88 -18.59
N ALA A 6 16.62 7.87 -19.46
CA ALA A 6 16.14 8.04 -20.82
C ALA A 6 14.65 8.39 -20.84
N LEU A 7 13.85 7.66 -20.06
CA LEU A 7 12.41 7.93 -20.02
C LEU A 7 12.14 9.32 -19.42
N ALA A 8 12.81 9.65 -18.30
CA ALA A 8 12.60 10.95 -17.66
C ALA A 8 12.97 12.07 -18.62
N ASP A 9 14.11 11.93 -19.29
N ASP A 9 14.01 11.84 -19.44
CA ASP A 9 14.55 12.98 -20.20
CA ASP A 9 14.43 12.77 -20.49
C ASP A 9 13.54 13.16 -21.34
C ASP A 9 13.36 12.93 -21.55
N MET A 10 13.04 12.04 -21.91
N MET A 10 12.89 11.82 -22.14
CA MET A 10 12.04 12.11 -22.98
CA MET A 10 11.84 11.90 -23.16
C MET A 10 10.76 12.77 -22.50
C MET A 10 10.57 12.55 -22.61
N CYS A 11 10.26 12.35 -21.32
CA CYS A 11 9.07 12.98 -20.77
C CYS A 11 9.26 14.48 -20.59
N ALA A 12 10.45 14.90 -20.17
CA ALA A 12 10.70 16.33 -20.02
C ALA A 12 10.62 17.01 -21.36
N ARG A 13 11.10 16.35 -22.40
CA ARG A 13 11.06 17.05 -23.67
C ARG A 13 9.65 17.12 -24.25
N LEU A 14 8.83 16.07 -24.06
CA LEU A 14 7.43 16.12 -24.48
C LEU A 14 6.65 17.15 -23.67
N GLU A 15 6.86 17.15 -22.36
CA GLU A 15 6.19 18.11 -21.52
C GLU A 15 6.49 19.54 -21.94
N ALA A 16 7.74 19.83 -22.36
CA ALA A 16 8.12 21.20 -22.73
C ALA A 16 7.26 21.74 -23.88
N GLY A 17 6.92 20.92 -24.82
CA GLY A 17 6.09 21.41 -25.92
C GLY A 17 4.60 21.34 -25.66
N SER A 18 4.20 20.66 -24.60
CA SER A 18 2.77 20.48 -24.34
C SER A 18 2.15 21.71 -23.69
N GLY A 19 2.97 22.50 -23.00
CA GLY A 19 2.44 23.60 -22.20
C GLY A 19 2.04 23.26 -20.80
N GLY A 20 1.97 21.99 -20.47
CA GLY A 20 1.53 21.62 -19.12
C GLY A 20 2.54 20.75 -18.40
N ARG A 21 2.05 19.84 -17.56
N ARG A 21 2.05 19.86 -17.53
CA ARG A 21 2.89 18.96 -16.74
CA ARG A 21 2.88 18.96 -16.74
C ARG A 21 2.50 17.52 -17.06
C ARG A 21 2.49 17.54 -17.12
N LEU A 22 3.51 16.70 -17.28
CA LEU A 22 3.33 15.32 -17.73
C LEU A 22 3.84 14.38 -16.65
N GLY A 23 2.96 13.57 -16.10
CA GLY A 23 3.33 12.60 -15.07
C GLY A 23 3.25 11.20 -15.63
N VAL A 24 4.28 10.41 -15.42
CA VAL A 24 4.36 9.07 -15.98
C VAL A 24 4.86 8.14 -14.88
N GLY A 25 4.17 7.02 -14.71
CA GLY A 25 4.66 5.93 -13.88
C GLY A 25 4.79 4.65 -14.65
N VAL A 26 5.93 3.95 -14.53
CA VAL A 26 6.11 2.66 -15.16
C VAL A 26 6.54 1.69 -14.08
N LEU A 27 5.68 0.75 -13.74
CA LEU A 27 5.94 -0.27 -12.72
C LEU A 27 6.20 -1.59 -13.44
N ASP A 28 7.44 -2.07 -13.36
CA ASP A 28 7.80 -3.33 -14.01
C ASP A 28 7.53 -4.45 -13.00
N THR A 29 6.57 -5.32 -13.29
CA THR A 29 6.23 -6.36 -12.32
C THR A 29 7.29 -7.44 -12.18
N ALA A 30 8.27 -7.49 -13.08
CA ALA A 30 9.37 -8.46 -12.93
C ALA A 30 10.25 -8.10 -11.74
N SER A 31 10.38 -6.82 -11.46
CA SER A 31 11.34 -6.33 -10.47
C SER A 31 10.68 -5.60 -9.32
N GLY A 32 9.42 -5.18 -9.47
CA GLY A 32 8.82 -4.26 -8.52
C GLY A 32 9.29 -2.82 -8.65
N ARG A 33 10.17 -2.53 -9.60
CA ARG A 33 10.75 -1.20 -9.72
C ARG A 33 9.84 -0.23 -10.49
N MET A 34 9.80 1.00 -10.01
CA MET A 34 9.01 2.07 -10.61
C MET A 34 9.95 3.15 -11.12
N ILE A 35 9.74 3.56 -12.40
CA ILE A 35 10.44 4.69 -13.01
C ILE A 35 9.38 5.63 -13.60
N GLY A 36 9.80 6.80 -14.04
CA GLY A 36 8.85 7.69 -14.68
C GLY A 36 9.24 9.15 -14.54
N HIS A 37 8.23 10.00 -14.39
CA HIS A 37 8.41 11.45 -14.40
C HIS A 37 7.33 12.04 -13.54
N ARG A 38 7.68 12.95 -12.62
CA ARG A 38 6.68 13.59 -11.73
C ARG A 38 5.88 12.54 -10.97
N LEU A 39 6.57 11.51 -10.49
CA LEU A 39 5.92 10.33 -9.92
C LEU A 39 5.04 10.68 -8.73
N ASP A 40 5.41 11.69 -7.94
CA ASP A 40 4.68 12.03 -6.73
C ASP A 40 3.93 13.34 -6.85
N ASP A 41 3.83 13.94 -8.04
CA ASP A 41 3.06 15.14 -8.24
C ASP A 41 1.57 14.78 -8.35
N ARG A 42 0.71 15.75 -8.06
CA ARG A 42 -0.73 15.58 -8.10
C ARG A 42 -1.31 15.95 -9.46
N PHE A 43 -2.19 15.09 -9.96
CA PHE A 43 -2.84 15.32 -11.27
C PHE A 43 -4.32 15.02 -11.13
N PRO A 44 -5.17 15.74 -11.84
CA PRO A 44 -6.60 15.39 -11.88
C PRO A 44 -6.81 14.02 -12.49
N MET A 45 -7.62 13.18 -11.82
CA MET A 45 -7.87 11.82 -12.30
C MET A 45 -8.76 11.82 -13.54
N CYS A 46 -9.79 12.69 -13.56
CA CYS A 46 -10.90 12.58 -14.54
C CYS A 46 -11.39 11.13 -14.49
N SER A 47 -11.74 10.52 -15.64
CA SER A 47 -12.38 9.22 -15.60
C SER A 47 -11.47 8.09 -15.19
N THR A 48 -10.18 8.32 -14.95
CA THR A 48 -9.36 7.21 -14.44
C THR A 48 -9.84 6.73 -13.08
N PHE A 49 -10.59 7.55 -12.33
CA PHE A 49 -11.08 7.07 -11.03
C PHE A 49 -11.99 5.86 -11.17
N LYS A 50 -12.58 5.68 -12.36
CA LYS A 50 -13.55 4.61 -12.54
C LYS A 50 -12.95 3.23 -12.36
N VAL A 51 -11.63 3.08 -12.53
CA VAL A 51 -10.98 1.80 -12.23
C VAL A 51 -11.06 1.49 -10.74
N LEU A 52 -10.77 2.49 -9.90
CA LEU A 52 -10.94 2.31 -8.47
C LEU A 52 -12.40 2.03 -8.12
N ALA A 53 -13.35 2.70 -8.79
CA ALA A 53 -14.75 2.47 -8.48
C ALA A 53 -15.15 1.04 -8.80
N ALA A 54 -14.79 0.56 -10.00
CA ALA A 54 -15.10 -0.83 -10.33
C ALA A 54 -14.39 -1.79 -9.38
N GLY A 55 -13.15 -1.48 -9.02
CA GLY A 55 -12.43 -2.30 -8.04
C GLY A 55 -13.16 -2.38 -6.70
N LEU A 56 -13.71 -1.25 -6.22
CA LEU A 56 -14.41 -1.27 -4.93
C LEU A 56 -15.71 -2.06 -5.03
N VAL A 57 -16.46 -1.92 -6.14
CA VAL A 57 -17.62 -2.79 -6.37
C VAL A 57 -17.23 -4.25 -6.25
N LEU A 58 -16.16 -4.67 -6.95
CA LEU A 58 -15.75 -6.06 -6.94
C LEU A 58 -15.25 -6.49 -5.57
N ALA A 59 -14.55 -5.61 -4.83
CA ALA A 59 -14.13 -5.96 -3.47
C ALA A 59 -15.33 -6.17 -2.57
N ARG A 60 -16.39 -5.37 -2.76
CA ARG A 60 -17.63 -5.58 -2.01
C ARG A 60 -18.31 -6.89 -2.42
N VAL A 61 -18.33 -7.19 -3.72
CA VAL A 61 -18.82 -8.50 -4.15
C VAL A 61 -18.04 -9.62 -3.46
N ASP A 62 -16.71 -9.50 -3.40
CA ASP A 62 -15.90 -10.54 -2.76
C ASP A 62 -16.32 -10.75 -1.31
N ARG A 63 -16.84 -9.71 -0.66
CA ARG A 63 -17.23 -9.79 0.75
C ARG A 63 -18.73 -10.01 0.94
N LYS A 64 -19.45 -10.29 -0.15
CA LYS A 64 -20.90 -10.51 -0.11
C LYS A 64 -21.65 -9.27 0.35
N GLN A 65 -21.08 -8.10 0.09
CA GLN A 65 -21.70 -6.81 0.37
C GLN A 65 -22.35 -6.19 -0.86
N GLU A 66 -22.16 -6.80 -2.02
CA GLU A 66 -22.72 -6.34 -3.27
C GLU A 66 -22.91 -7.56 -4.14
N ASN A 67 -23.81 -7.44 -5.13
CA ASN A 67 -24.12 -8.53 -6.04
C ASN A 67 -24.06 -7.97 -7.46
N LEU A 68 -23.26 -8.59 -8.35
CA LEU A 68 -23.14 -8.07 -9.73
C LEU A 68 -24.47 -8.08 -10.47
N ASP A 69 -25.39 -8.95 -10.09
CA ASP A 69 -26.69 -9.04 -10.75
C ASP A 69 -27.74 -8.13 -10.14
N ARG A 70 -27.42 -7.32 -9.13
CA ARG A 70 -28.44 -6.43 -8.54
C ARG A 70 -28.82 -5.37 -9.55
N ARG A 71 -30.12 -5.13 -9.72
N ARG A 71 -30.11 -5.12 -9.71
CA ARG A 71 -30.61 -4.13 -10.66
CA ARG A 71 -30.62 -4.14 -10.67
C ARG A 71 -30.78 -2.80 -9.96
C ARG A 71 -30.81 -2.80 -9.98
N VAL A 72 -30.34 -1.74 -10.63
CA VAL A 72 -30.46 -0.37 -10.19
C VAL A 72 -31.42 0.34 -11.13
N SER A 73 -32.50 0.91 -10.57
N SER A 73 -32.43 1.00 -10.57
CA SER A 73 -33.37 1.82 -11.28
CA SER A 73 -33.43 1.76 -11.31
C SER A 73 -32.91 3.25 -11.06
C SER A 73 -33.23 3.25 -11.03
N TYR A 74 -33.11 4.07 -12.10
CA TYR A 74 -32.72 5.46 -12.01
C TYR A 74 -33.60 6.29 -12.94
N ALA A 75 -33.48 7.61 -12.81
CA ALA A 75 -34.37 8.56 -13.48
C ALA A 75 -33.59 9.37 -14.53
N LYS A 76 -34.34 10.07 -15.38
CA LYS A 76 -33.72 11.01 -16.31
C LYS A 76 -32.88 12.05 -15.58
N SER A 77 -33.29 12.43 -14.37
CA SER A 77 -32.58 13.46 -13.63
C SER A 77 -31.21 12.98 -13.17
N ASP A 78 -30.96 11.66 -13.17
CA ASP A 78 -29.63 11.15 -12.87
C ASP A 78 -28.67 11.26 -14.05
N LEU A 79 -29.17 11.47 -15.27
CA LEU A 79 -28.28 11.47 -16.43
C LEU A 79 -27.43 12.72 -16.46
N VAL A 80 -26.12 12.54 -16.63
CA VAL A 80 -25.20 13.64 -16.85
C VAL A 80 -24.57 13.47 -18.22
N THR A 81 -23.84 14.51 -18.64
CA THR A 81 -23.21 14.48 -19.96
C THR A 81 -22.36 13.21 -20.15
N TYR A 82 -22.38 12.69 -21.38
CA TYR A 82 -21.59 11.54 -21.81
C TYR A 82 -21.97 10.27 -21.05
N SER A 83 -23.18 9.81 -21.39
CA SER A 83 -23.80 8.64 -20.75
C SER A 83 -24.40 7.72 -21.81
N PRO A 84 -23.56 7.17 -22.70
CA PRO A 84 -24.12 6.47 -23.89
C PRO A 84 -24.92 5.21 -23.58
N ALA A 85 -24.56 4.48 -22.52
CA ALA A 85 -25.29 3.27 -22.19
C ALA A 85 -26.45 3.59 -21.25
N THR A 86 -26.17 4.34 -20.17
CA THR A 86 -27.25 4.60 -19.20
C THR A 86 -28.39 5.42 -19.79
N GLU A 87 -28.12 6.26 -20.80
CA GLU A 87 -29.24 7.00 -21.38
C GLU A 87 -30.22 6.11 -22.11
N LYS A 88 -29.85 4.88 -22.41
CA LYS A 88 -30.75 3.95 -23.10
C LYS A 88 -31.54 3.06 -22.15
N HIS A 89 -31.28 3.12 -20.85
CA HIS A 89 -31.89 2.18 -19.91
C HIS A 89 -32.62 2.87 -18.76
N VAL A 90 -33.09 4.11 -18.95
CA VAL A 90 -33.87 4.77 -17.90
C VAL A 90 -35.09 3.95 -17.58
N GLU A 91 -35.70 3.33 -18.60
CA GLU A 91 -36.98 2.66 -18.34
C GLU A 91 -36.81 1.30 -17.72
N ASP A 92 -35.70 0.59 -18.03
CA ASP A 92 -35.55 -0.80 -17.60
C ASP A 92 -34.43 -1.03 -16.59
N GLY A 93 -33.64 -0.01 -16.27
CA GLY A 93 -32.56 -0.15 -15.28
C GLY A 93 -31.37 -0.87 -15.85
N MET A 94 -30.33 -0.99 -15.02
CA MET A 94 -29.13 -1.74 -15.38
C MET A 94 -28.63 -2.49 -14.16
N THR A 95 -27.96 -3.63 -14.38
CA THR A 95 -27.34 -4.32 -13.24
C THR A 95 -26.02 -3.63 -12.86
N ILE A 96 -25.55 -3.96 -11.66
CA ILE A 96 -24.26 -3.48 -11.19
C ILE A 96 -23.15 -3.87 -12.17
N ALA A 97 -23.17 -5.13 -12.65
CA ALA A 97 -22.15 -5.53 -13.65
C ALA A 97 -22.23 -4.68 -14.91
N GLU A 98 -23.46 -4.45 -15.43
CA GLU A 98 -23.61 -3.64 -16.64
C GLU A 98 -23.12 -2.21 -16.41
N LEU A 99 -23.37 -1.68 -15.21
CA LEU A 99 -22.88 -0.34 -14.90
C LEU A 99 -21.36 -0.30 -14.84
N CYS A 100 -20.73 -1.31 -14.24
CA CYS A 100 -19.26 -1.37 -14.24
C CYS A 100 -18.75 -1.45 -15.67
N GLU A 101 -19.35 -2.34 -16.47
N GLU A 101 -19.36 -2.32 -16.48
CA GLU A 101 -18.90 -2.49 -17.85
CA GLU A 101 -18.91 -2.51 -17.85
C GLU A 101 -19.00 -1.17 -18.61
C GLU A 101 -19.03 -1.21 -18.65
N ALA A 102 -20.12 -0.46 -18.44
CA ALA A 102 -20.28 0.81 -19.16
C ALA A 102 -19.30 1.86 -18.64
N ALA A 103 -19.10 1.90 -17.32
CA ALA A 103 -18.20 2.91 -16.76
C ALA A 103 -16.77 2.69 -17.26
N ILE A 104 -16.31 1.44 -17.32
CA ILE A 104 -14.94 1.16 -17.75
C ILE A 104 -14.79 1.26 -19.25
N THR A 105 -15.66 0.56 -20.00
CA THR A 105 -15.37 0.38 -21.43
C THR A 105 -15.86 1.51 -22.30
N LEU A 106 -16.87 2.28 -21.84
CA LEU A 106 -17.38 3.43 -22.59
C LEU A 106 -17.11 4.72 -21.86
N SER A 107 -16.63 4.66 -20.63
CA SER A 107 -16.51 5.84 -19.77
C SER A 107 -17.85 6.52 -19.53
N ASP A 108 -18.91 5.71 -19.40
CA ASP A 108 -20.23 6.27 -19.14
C ASP A 108 -20.24 7.00 -17.78
N ASN A 109 -20.61 8.28 -17.80
CA ASN A 109 -20.55 9.11 -16.58
C ASN A 109 -21.67 8.83 -15.59
N THR A 110 -22.91 8.71 -16.05
CA THR A 110 -23.97 8.35 -15.11
C THR A 110 -23.72 6.96 -14.51
N ALA A 111 -23.19 6.01 -15.30
CA ALA A 111 -22.91 4.70 -14.77
C ALA A 111 -21.95 4.83 -13.57
N ALA A 112 -20.89 5.63 -13.73
CA ALA A 112 -19.95 5.84 -12.62
C ALA A 112 -20.64 6.49 -11.42
N ASN A 113 -21.55 7.46 -11.65
CA ASN A 113 -22.25 8.09 -10.50
C ASN A 113 -23.09 7.08 -9.77
N LEU A 114 -23.75 6.16 -10.52
CA LEU A 114 -24.56 5.14 -9.85
C LEU A 114 -23.68 4.16 -9.06
N LEU A 115 -22.47 3.87 -9.55
CA LEU A 115 -21.55 3.06 -8.77
C LEU A 115 -21.10 3.80 -7.51
N LEU A 116 -20.78 5.10 -7.65
CA LEU A 116 -20.41 5.90 -6.47
C LEU A 116 -21.52 5.87 -5.44
N ALA A 117 -22.77 6.00 -5.89
CA ALA A 117 -23.89 6.01 -4.93
C ALA A 117 -24.07 4.69 -4.23
N SER A 118 -23.57 3.59 -4.79
CA SER A 118 -23.70 2.26 -4.20
C SER A 118 -22.78 2.03 -3.01
N PHE A 119 -21.75 2.87 -2.81
CA PHE A 119 -20.72 2.50 -1.83
C PHE A 119 -20.23 3.67 -1.01
N GLY A 120 -20.98 4.76 -0.93
CA GLY A 120 -20.57 5.88 -0.09
C GLY A 120 -19.94 7.03 -0.84
N GLY A 121 -20.01 7.04 -2.17
CA GLY A 121 -19.60 8.20 -2.92
C GLY A 121 -18.11 8.41 -2.95
N PRO A 122 -17.70 9.64 -3.31
CA PRO A 122 -16.28 10.01 -3.33
C PRO A 122 -15.54 9.65 -2.06
N ALA A 123 -16.16 9.86 -0.88
CA ALA A 123 -15.46 9.55 0.36
C ALA A 123 -15.30 8.04 0.52
N GLY A 124 -16.32 7.27 0.12
CA GLY A 124 -16.21 5.83 0.15
C GLY A 124 -15.11 5.31 -0.75
N LEU A 125 -14.99 5.89 -1.97
CA LEU A 125 -13.92 5.45 -2.88
C LEU A 125 -12.57 5.85 -2.32
N THR A 126 -12.45 7.05 -1.72
CA THR A 126 -11.17 7.47 -1.17
C THR A 126 -10.75 6.54 -0.04
N ALA A 127 -11.73 6.08 0.77
CA ALA A 127 -11.42 5.12 1.83
C ALA A 127 -10.91 3.81 1.28
N PHE A 128 -11.46 3.38 0.13
CA PHE A 128 -10.93 2.18 -0.52
C PHE A 128 -9.48 2.40 -0.99
N ALA A 129 -9.19 3.57 -1.58
CA ALA A 129 -7.80 3.88 -1.95
C ALA A 129 -6.89 3.79 -0.72
N ARG A 130 -7.30 4.33 0.42
CA ARG A 130 -6.47 4.23 1.62
C ARG A 130 -6.22 2.77 1.98
N SER A 131 -7.22 1.88 1.77
CA SER A 131 -7.05 0.45 2.09
C SER A 131 -5.98 -0.22 1.24
N LEU A 132 -5.71 0.31 0.05
CA LEU A 132 -4.68 -0.23 -0.81
C LEU A 132 -3.30 0.29 -0.47
N GLY A 133 -3.16 1.11 0.59
CA GLY A 133 -1.89 1.74 0.89
C GLY A 133 -1.70 3.09 0.22
N ASP A 134 -2.75 3.66 -0.38
CA ASP A 134 -2.64 4.88 -1.18
C ASP A 134 -3.11 6.04 -0.29
N GLU A 135 -2.14 6.85 0.15
CA GLU A 135 -2.37 8.03 0.97
C GLU A 135 -2.47 9.27 0.12
N THR A 136 -2.43 9.14 -1.21
CA THR A 136 -2.39 10.30 -2.09
C THR A 136 -3.72 10.55 -2.78
N THR A 137 -4.32 9.54 -3.38
CA THR A 137 -5.54 9.74 -4.16
C THR A 137 -6.69 10.25 -3.30
N ARG A 138 -7.48 11.15 -3.89
CA ARG A 138 -8.70 11.59 -3.22
C ARG A 138 -9.73 11.89 -4.29
N LEU A 139 -10.93 11.35 -4.11
CA LEU A 139 -12.08 11.76 -4.93
C LEU A 139 -13.00 12.57 -4.03
N ASP A 140 -13.50 13.67 -4.56
CA ASP A 140 -14.28 14.65 -3.79
C ASP A 140 -15.63 14.93 -4.40
N ARG A 141 -15.74 14.88 -5.72
CA ARG A 141 -16.94 15.25 -6.46
C ARG A 141 -17.38 14.09 -7.34
N ILE A 142 -18.59 14.17 -7.90
CA ILE A 142 -19.08 13.17 -8.84
C ILE A 142 -19.06 13.72 -10.26
N GLU A 143 -19.51 12.92 -11.22
CA GLU A 143 -19.51 13.40 -12.61
C GLU A 143 -20.64 14.41 -12.79
N THR A 144 -20.42 15.45 -13.62
CA THR A 144 -19.18 15.72 -14.37
C THR A 144 -18.24 16.75 -13.67
N GLU A 145 -18.62 17.18 -12.47
CA GLU A 145 -17.92 18.28 -11.81
C GLU A 145 -16.47 17.93 -11.51
N LEU A 146 -16.14 16.65 -11.37
CA LEU A 146 -14.78 16.31 -10.99
C LEU A 146 -13.77 16.51 -12.12
N ASN A 147 -14.20 16.88 -13.33
CA ASN A 147 -13.29 17.05 -14.45
C ASN A 147 -12.79 18.47 -14.62
N GLU A 148 -13.07 19.36 -13.65
CA GLU A 148 -12.75 20.79 -13.79
C GLU A 148 -11.25 21.03 -13.98
N ALA A 149 -10.44 20.30 -13.22
CA ALA A 149 -8.97 20.36 -13.35
C ALA A 149 -8.38 21.75 -13.11
N LEU A 150 -8.92 22.51 -12.15
CA LEU A 150 -8.36 23.82 -11.85
C LEU A 150 -6.92 23.70 -11.40
N ALA A 151 -6.12 24.69 -11.80
CA ALA A 151 -4.70 24.67 -11.50
C ALA A 151 -4.48 24.60 -10.00
N GLY A 152 -3.68 23.61 -9.57
CA GLY A 152 -3.32 23.47 -8.17
C GLY A 152 -4.37 22.91 -7.25
N ASP A 153 -5.60 22.70 -7.73
CA ASP A 153 -6.68 22.22 -6.87
C ASP A 153 -6.45 20.75 -6.54
N PRO A 154 -6.39 20.36 -5.26
CA PRO A 154 -6.12 18.95 -4.95
C PRO A 154 -7.35 18.04 -5.06
N ARG A 155 -8.55 18.59 -5.21
CA ARG A 155 -9.71 17.70 -5.28
C ARG A 155 -9.59 16.78 -6.48
N ASP A 156 -10.03 15.53 -6.32
CA ASP A 156 -10.19 14.62 -7.47
C ASP A 156 -8.86 14.34 -8.16
N THR A 157 -7.80 14.15 -7.37
CA THR A 157 -6.46 13.95 -7.90
C THR A 157 -5.84 12.65 -7.45
N THR A 158 -4.76 12.26 -8.16
CA THR A 158 -3.92 11.12 -7.81
C THR A 158 -2.49 11.49 -8.18
N SER A 159 -1.55 10.56 -7.99
CA SER A 159 -0.20 10.74 -8.53
C SER A 159 0.09 9.55 -9.45
N PRO A 160 1.05 9.68 -10.36
CA PRO A 160 1.35 8.54 -11.25
C PRO A 160 1.79 7.32 -10.45
N ARG A 161 2.59 7.53 -9.38
CA ARG A 161 3.01 6.41 -8.56
C ARG A 161 1.82 5.77 -7.86
N ALA A 162 0.98 6.58 -7.21
CA ALA A 162 -0.10 6.01 -6.41
C ALA A 162 -1.05 5.21 -7.28
N MET A 163 -1.43 5.77 -8.43
CA MET A 163 -2.40 5.07 -9.27
C MET A 163 -1.79 3.81 -9.90
N ALA A 164 -0.47 3.85 -10.22
CA ALA A 164 0.15 2.64 -10.75
C ALA A 164 0.14 1.52 -9.71
N GLN A 165 0.47 1.86 -8.45
CA GLN A 165 0.43 0.87 -7.38
C GLN A 165 -0.99 0.35 -7.18
N ASP A 166 -1.98 1.22 -7.28
CA ASP A 166 -3.36 0.74 -7.09
C ASP A 166 -3.78 -0.15 -8.25
N LEU A 167 -3.44 0.23 -9.48
CA LEU A 167 -3.84 -0.58 -10.62
C LEU A 167 -3.16 -1.94 -10.58
N ARG A 168 -1.88 -2.00 -10.18
CA ARG A 168 -1.21 -3.28 -9.99
C ARG A 168 -1.95 -4.13 -8.95
N ALA A 169 -2.28 -3.55 -7.79
CA ALA A 169 -2.92 -4.31 -6.72
C ALA A 169 -4.25 -4.91 -7.18
N LEU A 170 -5.02 -4.18 -7.98
CA LEU A 170 -6.36 -4.60 -8.41
C LEU A 170 -6.36 -5.61 -9.56
N THR A 171 -5.28 -5.69 -10.33
CA THR A 171 -5.28 -6.55 -11.51
C THR A 171 -4.35 -7.74 -11.34
N LEU A 172 -3.11 -7.48 -10.93
CA LEU A 172 -2.10 -8.51 -10.83
C LEU A 172 -1.84 -8.95 -9.39
N GLY A 173 -2.12 -8.09 -8.41
CA GLY A 173 -1.91 -8.39 -7.01
C GLY A 173 -3.13 -9.05 -6.41
N ASP A 174 -3.27 -8.88 -5.09
CA ASP A 174 -4.27 -9.67 -4.38
C ASP A 174 -5.33 -8.82 -3.68
N ALA A 175 -5.51 -7.56 -4.10
CA ALA A 175 -6.59 -6.76 -3.52
C ALA A 175 -7.95 -7.35 -3.82
N LEU A 176 -8.09 -8.05 -4.94
CA LEU A 176 -9.35 -8.67 -5.37
C LEU A 176 -9.17 -10.17 -5.45
N SER A 177 -10.29 -10.90 -5.30
CA SER A 177 -10.25 -12.34 -5.48
C SER A 177 -9.79 -12.66 -6.92
N PRO A 178 -9.34 -13.88 -7.16
CA PRO A 178 -8.99 -14.27 -8.54
C PRO A 178 -10.11 -14.03 -9.52
N ALA A 179 -11.36 -14.35 -9.15
CA ALA A 179 -12.46 -14.11 -10.08
C ALA A 179 -12.62 -12.62 -10.36
N SER A 180 -12.56 -11.79 -9.31
CA SER A 180 -12.80 -10.36 -9.48
C SER A 180 -11.65 -9.68 -10.23
N ARG A 181 -10.39 -10.06 -9.94
CA ARG A 181 -9.29 -9.42 -10.67
C ARG A 181 -9.36 -9.79 -12.14
N ALA A 182 -9.79 -11.02 -12.44
CA ALA A 182 -9.93 -11.39 -13.86
C ALA A 182 -11.04 -10.58 -14.52
N GLN A 183 -12.15 -10.36 -13.78
CA GLN A 183 -13.25 -9.56 -14.35
C GLN A 183 -12.79 -8.13 -14.63
N LEU A 184 -12.03 -7.53 -13.71
CA LEU A 184 -11.55 -6.19 -13.96
C LEU A 184 -10.63 -6.15 -15.18
N ILE A 185 -9.69 -7.11 -15.28
CA ILE A 185 -8.85 -7.21 -16.47
C ILE A 185 -9.70 -7.32 -17.72
N THR A 186 -10.73 -8.14 -17.70
CA THR A 186 -11.57 -8.29 -18.89
C THR A 186 -12.18 -6.96 -19.31
N TRP A 187 -12.74 -6.20 -18.35
CA TRP A 187 -13.30 -4.89 -18.68
C TRP A 187 -12.23 -3.95 -19.23
N LEU A 188 -11.03 -3.89 -18.60
CA LEU A 188 -9.98 -3.00 -19.09
C LEU A 188 -9.57 -3.37 -20.53
N LYS A 189 -9.43 -4.66 -20.81
CA LYS A 189 -9.03 -5.10 -22.15
C LYS A 189 -10.08 -4.70 -23.18
N ALA A 190 -11.35 -4.63 -22.77
CA ALA A 190 -12.47 -4.29 -23.67
C ALA A 190 -12.72 -2.79 -23.78
N ASN A 191 -11.85 -1.95 -23.21
CA ASN A 191 -12.06 -0.52 -23.34
C ASN A 191 -12.07 -0.07 -24.78
N THR A 192 -13.02 0.83 -25.11
CA THR A 192 -13.20 1.33 -26.47
C THR A 192 -12.68 2.75 -26.65
N THR A 193 -12.22 3.43 -25.58
CA THR A 193 -11.94 4.84 -25.66
C THR A 193 -10.45 5.16 -25.78
N GLY A 194 -9.60 4.15 -25.84
CA GLY A 194 -8.15 4.39 -25.75
C GLY A 194 -7.35 4.23 -27.03
N GLY A 195 -8.01 4.20 -28.19
CA GLY A 195 -7.32 3.86 -29.42
C GLY A 195 -6.29 4.86 -29.86
N THR A 196 -6.34 6.10 -29.39
CA THR A 196 -5.38 7.10 -29.80
C THR A 196 -4.36 7.42 -28.72
N ARG A 197 -4.36 6.67 -27.62
CA ARG A 197 -3.45 6.93 -26.50
C ARG A 197 -2.46 5.78 -26.38
N LEU A 198 -2.33 5.13 -25.22
CA LEU A 198 -1.25 4.15 -25.05
C LEU A 198 -1.34 3.02 -26.09
N ARG A 199 -2.56 2.59 -26.42
CA ARG A 199 -2.74 1.54 -27.42
C ARG A 199 -2.10 1.89 -28.76
N ALA A 200 -2.09 3.18 -29.12
CA ALA A 200 -1.53 3.58 -30.40
C ALA A 200 0.00 3.61 -30.38
N GLY A 201 0.62 3.69 -29.20
CA GLY A 201 2.06 3.88 -29.13
C GLY A 201 2.84 2.62 -28.83
N VAL A 202 2.22 1.65 -28.15
CA VAL A 202 2.94 0.42 -27.81
C VAL A 202 3.03 -0.53 -29.00
N PRO A 203 3.97 -1.47 -29.00
CA PRO A 203 4.07 -2.41 -30.11
C PRO A 203 2.77 -3.18 -30.30
N PRO A 204 2.38 -3.43 -31.54
CA PRO A 204 1.05 -4.01 -31.78
C PRO A 204 0.85 -5.42 -31.25
N GLY A 205 1.93 -6.17 -30.97
CA GLY A 205 1.82 -7.51 -30.41
C GLY A 205 1.50 -7.54 -28.92
N TRP A 206 1.65 -6.41 -28.23
CA TRP A 206 1.35 -6.35 -26.81
C TRP A 206 -0.16 -6.39 -26.60
N THR A 207 -0.59 -6.95 -25.47
CA THR A 207 -1.99 -6.87 -25.07
C THR A 207 -2.14 -5.74 -24.07
N VAL A 208 -3.24 -4.99 -24.18
CA VAL A 208 -3.47 -3.78 -23.39
C VAL A 208 -4.84 -3.86 -22.71
N GLY A 209 -4.87 -3.53 -21.43
CA GLY A 209 -6.12 -3.12 -20.78
C GLY A 209 -5.93 -1.70 -20.30
N ASP A 210 -6.87 -0.79 -20.51
CA ASP A 210 -6.64 0.60 -20.11
C ASP A 210 -7.94 1.31 -19.74
N LYS A 211 -7.77 2.46 -19.09
CA LYS A 211 -8.84 3.41 -18.83
C LYS A 211 -8.32 4.82 -19.05
N THR A 212 -9.02 5.57 -19.91
CA THR A 212 -8.67 6.96 -20.19
C THR A 212 -9.34 7.91 -19.22
N GLY A 213 -8.87 9.14 -19.26
CA GLY A 213 -9.60 10.25 -18.66
C GLY A 213 -9.29 11.50 -19.44
N THR A 214 -10.25 12.41 -19.51
CA THR A 214 -10.10 13.65 -20.27
C THR A 214 -10.86 14.73 -19.49
N GLY A 215 -10.28 15.92 -19.40
CA GLY A 215 -10.92 16.96 -18.64
C GLY A 215 -10.50 18.34 -19.04
N GLY A 216 -10.90 19.29 -18.20
CA GLY A 216 -10.66 20.68 -18.50
C GLY A 216 -9.18 21.03 -18.37
N ARG A 217 -8.86 22.26 -18.78
CA ARG A 217 -7.50 22.78 -18.66
C ARG A 217 -6.47 21.83 -19.27
N GLY A 218 -6.78 21.34 -20.48
CA GLY A 218 -5.83 20.48 -21.15
C GLY A 218 -5.41 19.23 -20.42
N THR A 219 -6.38 18.47 -19.91
CA THR A 219 -6.11 17.29 -19.12
C THR A 219 -6.47 16.08 -19.93
N ALA A 220 -5.48 15.19 -20.12
CA ALA A 220 -5.66 13.95 -20.85
C ALA A 220 -4.79 12.89 -20.18
N ASN A 221 -5.42 11.72 -19.88
CA ASN A 221 -4.79 10.67 -19.10
C ASN A 221 -5.07 9.31 -19.71
N ASP A 222 -4.21 8.36 -19.37
CA ASP A 222 -4.46 6.96 -19.73
C ASP A 222 -3.67 6.10 -18.74
N ILE A 223 -4.33 5.10 -18.15
CA ILE A 223 -3.65 4.15 -17.26
C ILE A 223 -3.89 2.75 -17.78
N ALA A 224 -2.87 1.90 -17.69
CA ALA A 224 -2.96 0.61 -18.39
C ALA A 224 -2.17 -0.49 -17.70
N VAL A 225 -2.63 -1.71 -17.89
CA VAL A 225 -1.81 -2.91 -17.76
C VAL A 225 -1.39 -3.32 -19.16
N LEU A 226 -0.09 -3.54 -19.33
CA LEU A 226 0.47 -3.90 -20.62
C LEU A 226 1.11 -5.27 -20.50
N TRP A 227 0.79 -6.15 -21.42
CA TRP A 227 1.43 -7.47 -21.46
C TRP A 227 2.34 -7.56 -22.69
N PRO A 228 3.64 -7.36 -22.53
CA PRO A 228 4.58 -7.54 -23.63
C PRO A 228 4.69 -9.00 -24.03
N LEU A 229 5.38 -9.21 -25.15
CA LEU A 229 5.70 -10.55 -25.61
C LEU A 229 6.96 -11.01 -24.89
N GLN A 230 6.87 -12.15 -24.21
CA GLN A 230 7.98 -12.76 -23.45
C GLN A 230 8.71 -11.77 -22.54
N ARG A 231 7.94 -10.90 -21.87
CA ARG A 231 8.47 -9.99 -20.86
C ARG A 231 7.35 -9.80 -19.85
N ALA A 232 7.70 -9.58 -18.58
CA ALA A 232 6.68 -9.51 -17.54
C ALA A 232 5.78 -8.29 -17.76
N PRO A 233 4.54 -8.34 -17.28
CA PRO A 233 3.63 -7.21 -17.46
C PRO A 233 4.15 -5.93 -16.84
N LEU A 234 3.73 -4.82 -17.43
CA LEU A 234 4.01 -3.48 -16.92
C LEU A 234 2.70 -2.79 -16.57
N ILE A 235 2.76 -1.98 -15.51
CA ILE A 235 1.67 -1.04 -15.21
C ILE A 235 2.16 0.32 -15.63
N VAL A 236 1.40 1.04 -16.44
CA VAL A 236 1.81 2.37 -16.90
C VAL A 236 0.71 3.37 -16.64
N THR A 237 1.07 4.46 -15.98
CA THR A 237 0.14 5.56 -15.76
C THR A 237 0.65 6.81 -16.47
N VAL A 238 -0.23 7.52 -17.20
CA VAL A 238 0.14 8.75 -17.87
C VAL A 238 -0.92 9.79 -17.54
N TYR A 239 -0.49 10.92 -16.97
CA TYR A 239 -1.36 12.03 -16.59
C TYR A 239 -0.77 13.30 -17.20
N LEU A 240 -1.55 13.98 -18.05
CA LEU A 240 -1.12 15.24 -18.62
C LEU A 240 -2.15 16.26 -18.19
N THR A 241 -1.72 17.38 -17.60
CA THR A 241 -2.65 18.42 -17.20
C THR A 241 -2.06 19.79 -17.44
N GLY A 242 -2.94 20.76 -17.70
CA GLY A 242 -2.51 22.09 -18.05
C GLY A 242 -1.94 22.19 -19.45
N ALA A 243 -2.14 21.15 -20.31
CA ALA A 243 -1.61 21.28 -21.66
C ALA A 243 -2.27 22.45 -22.37
N THR A 244 -1.51 23.17 -23.17
CA THR A 244 -2.09 24.24 -23.96
C THR A 244 -2.16 23.92 -25.45
N VAL A 245 -1.54 22.82 -25.88
CA VAL A 245 -1.69 22.36 -27.26
C VAL A 245 -3.07 21.72 -27.45
N VAL A 246 -3.45 21.59 -28.71
CA VAL A 246 -4.76 21.06 -29.02
C VAL A 246 -4.93 19.59 -28.55
N ARG A 247 -6.18 19.20 -28.35
CA ARG A 247 -6.48 17.85 -27.88
C ARG A 247 -5.79 16.75 -28.70
N ASP A 248 -5.79 16.84 -30.04
CA ASP A 248 -5.20 15.74 -30.79
C ASP A 248 -3.73 15.56 -30.44
N GLN A 249 -3.06 16.66 -30.12
CA GLN A 249 -1.65 16.55 -29.75
C GLN A 249 -1.46 15.93 -28.37
N GLN A 250 -2.41 16.16 -27.45
CA GLN A 250 -2.33 15.52 -26.15
C GLN A 250 -2.43 14.02 -26.30
N ASN A 251 -3.30 13.56 -27.21
CA ASN A 251 -3.41 12.11 -27.43
C ASN A 251 -2.08 11.60 -27.96
N LYS A 252 -1.48 12.33 -28.91
CA LYS A 252 -0.21 11.88 -29.50
C LYS A 252 0.91 11.83 -28.45
N ILE A 253 0.94 12.83 -27.54
CA ILE A 253 1.94 12.81 -26.46
C ILE A 253 1.81 11.53 -25.65
N ILE A 254 0.58 11.14 -25.29
CA ILE A 254 0.38 9.92 -24.50
C ILE A 254 0.83 8.70 -25.30
N ALA A 255 0.43 8.63 -26.59
CA ALA A 255 0.88 7.53 -27.42
C ALA A 255 2.42 7.48 -27.45
N ASP A 256 3.07 8.63 -27.57
CA ASP A 256 4.54 8.69 -27.62
C ASP A 256 5.17 8.29 -26.30
N VAL A 257 4.50 8.53 -25.17
CA VAL A 257 5.00 7.94 -23.93
C VAL A 257 4.91 6.42 -24.01
N GLY A 258 3.80 5.91 -24.56
CA GLY A 258 3.70 4.47 -24.70
C GLY A 258 4.83 3.89 -25.51
N ALA A 259 5.18 4.57 -26.60
CA ALA A 259 6.31 4.12 -27.42
C ALA A 259 7.60 4.17 -26.62
N ALA A 260 7.77 5.17 -25.76
CA ALA A 260 9.03 5.29 -25.00
C ALA A 260 9.14 4.21 -23.94
N VAL A 261 8.01 3.80 -23.36
CA VAL A 261 8.04 2.74 -22.37
C VAL A 261 8.51 1.46 -23.01
N ALA A 262 8.06 1.21 -24.24
CA ALA A 262 8.40 -0.03 -24.93
C ALA A 262 9.83 -0.01 -25.45
N GLY A 263 10.31 1.16 -25.89
CA GLY A 263 11.64 1.24 -26.49
C GLY A 263 12.73 1.49 -25.45
N ASP B 5 -13.41 0.52 27.13
CA ASP B 5 -13.29 -0.21 28.39
C ASP B 5 -13.43 -1.71 28.15
N ALA B 6 -14.27 -2.08 27.18
CA ALA B 6 -14.47 -3.50 26.90
C ALA B 6 -13.20 -4.15 26.36
N LEU B 7 -12.46 -3.45 25.49
CA LEU B 7 -11.19 -3.99 24.99
C LEU B 7 -10.14 -4.03 26.10
N ALA B 8 -10.01 -2.94 26.85
CA ALA B 8 -9.08 -2.94 27.98
C ALA B 8 -9.42 -4.04 28.98
N ASP B 9 -10.71 -4.27 29.21
CA ASP B 9 -11.09 -5.36 30.11
C ASP B 9 -10.83 -6.73 29.49
N MET B 10 -11.01 -6.86 28.18
CA MET B 10 -10.68 -8.13 27.55
C MET B 10 -9.18 -8.40 27.62
N CYS B 11 -8.37 -7.36 27.45
CA CYS B 11 -6.93 -7.54 27.61
C CYS B 11 -6.58 -7.98 29.02
N ALA B 12 -7.26 -7.43 30.04
CA ALA B 12 -6.96 -7.85 31.41
C ALA B 12 -7.27 -9.33 31.61
N ARG B 13 -8.38 -9.81 31.05
CA ARG B 13 -8.72 -11.23 31.15
C ARG B 13 -7.69 -12.09 30.42
N LEU B 14 -7.31 -11.70 29.20
CA LEU B 14 -6.27 -12.44 28.49
C LEU B 14 -4.97 -12.44 29.28
N GLU B 15 -4.64 -11.30 29.91
CA GLU B 15 -3.37 -11.25 30.65
C GLU B 15 -3.40 -12.20 31.83
N ALA B 16 -4.55 -12.24 32.53
CA ALA B 16 -4.68 -13.11 33.70
C ALA B 16 -4.46 -14.58 33.32
N GLY B 17 -5.02 -15.03 32.20
CA GLY B 17 -4.79 -16.42 31.84
C GLY B 17 -3.38 -16.72 31.37
N SER B 18 -2.62 -15.69 30.99
CA SER B 18 -1.30 -15.95 30.43
C SER B 18 -0.21 -16.18 31.46
N GLY B 19 -0.40 -15.69 32.70
CA GLY B 19 0.64 -15.65 33.71
C GLY B 19 1.58 -14.46 33.60
N GLY B 20 1.62 -13.77 32.46
CA GLY B 20 2.55 -12.71 32.24
C GLY B 20 1.93 -11.33 32.23
N ARG B 21 2.63 -10.40 31.58
CA ARG B 21 2.14 -9.03 31.36
C ARG B 21 1.84 -8.89 29.88
N LEU B 22 0.67 -8.33 29.57
CA LEU B 22 0.22 -8.17 28.21
C LEU B 22 0.07 -6.68 27.91
N GLY B 23 0.85 -6.17 26.97
CA GLY B 23 0.74 -4.79 26.53
C GLY B 23 0.08 -4.74 25.16
N VAL B 24 -0.95 -3.90 25.05
CA VAL B 24 -1.72 -3.78 23.82
C VAL B 24 -1.88 -2.30 23.50
N GLY B 25 -1.47 -1.90 22.30
CA GLY B 25 -1.73 -0.56 21.80
C GLY B 25 -2.63 -0.64 20.57
N VAL B 26 -3.79 0.03 20.57
CA VAL B 26 -4.69 0.01 19.43
C VAL B 26 -4.95 1.45 19.02
N LEU B 27 -4.55 1.79 17.80
CA LEU B 27 -4.74 3.14 17.28
C LEU B 27 -5.63 3.04 16.04
N ASP B 28 -6.91 3.33 16.21
CA ASP B 28 -7.87 3.48 15.11
C ASP B 28 -7.68 4.88 14.56
N THR B 29 -7.19 4.99 13.32
CA THR B 29 -6.80 6.30 12.84
C THR B 29 -7.97 7.19 12.43
N ALA B 30 -9.23 6.76 12.64
CA ALA B 30 -10.36 7.69 12.59
C ALA B 30 -10.35 8.65 13.79
N SER B 31 -9.72 8.29 14.90
N SER B 31 -9.62 8.32 14.85
CA SER B 31 -10.05 8.95 16.16
CA SER B 31 -9.49 9.15 16.04
C SER B 31 -8.83 9.41 16.97
C SER B 31 -7.99 9.27 16.37
N GLY B 32 -7.62 8.94 16.62
N GLY B 32 -7.66 10.17 17.28
CA GLY B 32 -6.38 9.42 17.19
CA GLY B 32 -6.29 10.30 17.76
C GLY B 32 -6.25 9.24 18.68
C GLY B 32 -5.99 9.50 19.00
N ARG B 33 -7.01 8.32 19.26
N ARG B 33 -6.94 8.74 19.51
CA ARG B 33 -7.07 8.15 20.72
CA ARG B 33 -6.97 8.31 20.90
C ARG B 33 -6.62 6.73 21.03
C ARG B 33 -6.61 6.82 21.03
N MET B 34 -5.38 6.55 21.46
CA MET B 34 -4.90 5.19 21.66
C MET B 34 -5.58 4.52 22.85
N ILE B 35 -5.96 3.24 22.69
CA ILE B 35 -6.57 2.44 23.75
C ILE B 35 -5.79 1.12 23.85
N GLY B 36 -5.99 0.39 24.94
CA GLY B 36 -5.35 -0.91 25.09
C GLY B 36 -5.06 -1.21 26.56
N HIS B 37 -3.86 -1.73 26.81
CA HIS B 37 -3.52 -2.21 28.14
C HIS B 37 -2.02 -2.02 28.33
N ARG B 38 -1.61 -1.55 29.52
CA ARG B 38 -0.18 -1.34 29.80
C ARG B 38 0.50 -0.50 28.71
N LEU B 39 -0.18 0.57 28.32
CA LEU B 39 0.25 1.36 27.17
C LEU B 39 1.66 1.92 27.35
N ASP B 40 2.04 2.27 28.57
CA ASP B 40 3.29 2.95 28.83
C ASP B 40 4.30 2.11 29.62
N ASP B 41 4.09 0.81 29.72
CA ASP B 41 5.08 -0.05 30.36
C ASP B 41 6.09 -0.50 29.31
N ARG B 42 7.31 -0.81 29.76
CA ARG B 42 8.34 -1.32 28.88
C ARG B 42 8.17 -2.82 28.65
N PHE B 43 8.42 -3.24 27.40
CA PHE B 43 8.42 -4.66 27.04
C PHE B 43 9.62 -4.92 26.14
N PRO B 44 10.20 -6.12 26.22
CA PRO B 44 11.27 -6.49 25.28
C PRO B 44 10.75 -6.48 23.86
N MET B 45 11.49 -5.82 22.97
CA MET B 45 11.09 -5.77 21.56
C MET B 45 11.28 -7.12 20.84
N CYS B 46 12.36 -7.83 21.16
CA CYS B 46 12.83 -8.95 20.35
C CYS B 46 12.83 -8.51 18.89
N SER B 47 12.40 -9.37 17.95
CA SER B 47 12.60 -9.00 16.54
C SER B 47 11.68 -7.87 16.06
N THR B 48 10.76 -7.34 16.88
CA THR B 48 9.94 -6.24 16.37
C THR B 48 10.78 -5.01 16.10
N PHE B 49 12.02 -4.91 16.63
CA PHE B 49 12.84 -3.74 16.31
C PHE B 49 13.19 -3.70 14.83
N LYS B 50 13.06 -4.82 14.13
CA LYS B 50 13.50 -4.88 12.73
C LYS B 50 12.67 -3.97 11.83
N VAL B 51 11.44 -3.60 12.27
CA VAL B 51 10.66 -2.63 11.48
C VAL B 51 11.32 -1.27 11.56
N LEU B 52 11.74 -0.86 12.77
CA LEU B 52 12.44 0.41 12.88
C LEU B 52 13.73 0.38 12.08
N ALA B 53 14.41 -0.77 12.05
CA ALA B 53 15.66 -0.87 11.29
C ALA B 53 15.41 -0.64 9.81
N ALA B 54 14.41 -1.33 9.25
CA ALA B 54 14.08 -1.11 7.82
C ALA B 54 13.63 0.33 7.59
N GLY B 55 12.89 0.87 8.56
CA GLY B 55 12.49 2.26 8.42
C GLY B 55 13.68 3.21 8.33
N LEU B 56 14.72 2.98 9.16
CA LEU B 56 15.87 3.86 9.12
C LEU B 56 16.63 3.69 7.82
N VAL B 57 16.77 2.46 7.35
CA VAL B 57 17.36 2.25 6.01
C VAL B 57 16.62 3.10 4.98
N LEU B 58 15.28 3.06 5.00
CA LEU B 58 14.51 3.77 3.97
C LEU B 58 14.59 5.27 4.17
N ALA B 59 14.62 5.75 5.42
CA ALA B 59 14.78 7.18 5.65
C ALA B 59 16.13 7.65 5.13
N ARG B 60 17.16 6.79 5.25
CA ARG B 60 18.47 7.09 4.67
C ARG B 60 18.40 7.12 3.15
N VAL B 61 17.70 6.14 2.53
CA VAL B 61 17.49 6.19 1.08
C VAL B 61 16.82 7.51 0.68
N ASP B 62 15.81 7.94 1.47
CA ASP B 62 15.08 9.16 1.15
C ASP B 62 15.97 10.38 1.22
N ARG B 63 17.03 10.32 2.04
N ARG B 63 17.02 10.33 2.03
CA ARG B 63 18.00 11.41 2.17
CA ARG B 63 17.97 11.44 2.11
C ARG B 63 19.21 11.24 1.24
C ARG B 63 19.23 11.20 1.28
N LYS B 64 19.21 10.23 0.39
CA LYS B 64 20.34 9.94 -0.51
C LYS B 64 21.61 9.57 0.26
N GLN B 65 21.42 8.96 1.42
CA GLN B 65 22.50 8.42 2.24
C GLN B 65 22.68 6.91 2.09
N GLU B 66 21.75 6.24 1.41
CA GLU B 66 21.77 4.80 1.21
C GLU B 66 21.12 4.51 -0.14
N ASN B 67 21.40 3.31 -0.67
CA ASN B 67 20.84 2.87 -1.96
C ASN B 67 20.31 1.45 -1.77
N LEU B 68 19.03 1.22 -2.08
CA LEU B 68 18.48 -0.12 -1.94
C LEU B 68 19.23 -1.14 -2.78
N ASP B 69 19.91 -0.73 -3.85
CA ASP B 69 20.60 -1.69 -4.69
C ASP B 69 22.04 -1.89 -4.26
N ARG B 70 22.49 -1.22 -3.20
CA ARG B 70 23.89 -1.39 -2.79
C ARG B 70 24.12 -2.81 -2.27
N ARG B 71 25.18 -3.47 -2.77
CA ARG B 71 25.46 -4.85 -2.40
C ARG B 71 26.38 -4.90 -1.18
N VAL B 72 25.96 -5.65 -0.17
CA VAL B 72 26.72 -5.85 1.05
C VAL B 72 27.40 -7.21 1.00
N SER B 73 28.72 -7.22 1.21
CA SER B 73 29.48 -8.45 1.31
C SER B 73 29.68 -8.84 2.76
N TYR B 74 29.69 -10.14 3.04
CA TYR B 74 29.83 -10.61 4.41
C TYR B 74 30.37 -12.02 4.35
N ALA B 75 30.77 -12.52 5.52
CA ALA B 75 31.49 -13.77 5.64
C ALA B 75 30.64 -14.76 6.42
N LYS B 76 30.92 -16.06 6.23
CA LYS B 76 30.18 -17.07 6.99
C LYS B 76 30.37 -16.86 8.48
N SER B 77 31.52 -16.34 8.87
CA SER B 77 31.77 -16.09 10.29
C SER B 77 30.84 -15.03 10.87
N ASP B 78 30.19 -14.19 10.02
CA ASP B 78 29.23 -13.19 10.46
C ASP B 78 27.85 -13.76 10.80
N LEU B 79 27.56 -14.99 10.38
CA LEU B 79 26.21 -15.52 10.57
C LEU B 79 25.94 -15.80 12.03
N VAL B 80 24.76 -15.39 12.51
CA VAL B 80 24.29 -15.76 13.85
C VAL B 80 23.12 -16.71 13.67
N THR B 81 22.58 -17.21 14.79
CA THR B 81 21.47 -18.14 14.76
C THR B 81 20.29 -17.58 13.98
N TYR B 82 19.60 -18.45 13.26
CA TYR B 82 18.36 -18.14 12.54
C TYR B 82 18.60 -17.09 11.46
N SER B 83 19.28 -17.54 10.41
CA SER B 83 19.62 -16.71 9.26
C SER B 83 19.29 -17.43 7.96
N PRO B 84 18.00 -17.69 7.72
CA PRO B 84 17.61 -18.58 6.59
C PRO B 84 18.01 -18.03 5.23
N ALA B 85 17.97 -16.71 5.01
CA ALA B 85 18.33 -16.15 3.70
C ALA B 85 19.81 -15.82 3.65
N THR B 86 20.33 -15.14 4.67
CA THR B 86 21.72 -14.71 4.60
C THR B 86 22.68 -15.89 4.59
N GLU B 87 22.32 -17.01 5.22
CA GLU B 87 23.22 -18.18 5.18
C GLU B 87 23.44 -18.71 3.75
N LYS B 88 22.57 -18.35 2.80
CA LYS B 88 22.67 -18.86 1.43
C LYS B 88 23.44 -17.94 0.50
N HIS B 89 23.86 -16.76 0.97
CA HIS B 89 24.40 -15.74 0.08
C HIS B 89 25.76 -15.23 0.54
N VAL B 90 26.53 -16.04 1.28
CA VAL B 90 27.90 -15.63 1.64
C VAL B 90 28.74 -15.31 0.40
N GLU B 91 28.64 -16.14 -0.66
N GLU B 91 28.63 -16.13 -0.65
CA GLU B 91 29.54 -15.98 -1.81
CA GLU B 91 29.53 -15.97 -1.79
C GLU B 91 29.27 -14.67 -2.54
C GLU B 91 29.26 -14.68 -2.56
N ASP B 92 28.00 -14.35 -2.76
N ASP B 92 27.98 -14.36 -2.77
CA ASP B 92 27.56 -13.29 -3.64
CA ASP B 92 27.57 -13.28 -3.66
C ASP B 92 27.13 -12.02 -2.92
C ASP B 92 27.08 -12.04 -2.92
N GLY B 93 26.90 -12.10 -1.60
CA GLY B 93 26.37 -10.95 -0.87
C GLY B 93 24.88 -10.78 -1.12
N MET B 94 24.32 -9.71 -0.52
CA MET B 94 22.90 -9.38 -0.69
C MET B 94 22.79 -7.87 -0.80
N THR B 95 21.81 -7.40 -1.58
CA THR B 95 21.58 -5.96 -1.59
C THR B 95 20.92 -5.52 -0.28
N ILE B 96 21.00 -4.21 -0.04
CA ILE B 96 20.26 -3.61 1.08
C ILE B 96 18.77 -3.96 1.04
N ALA B 97 18.12 -3.86 -0.13
CA ALA B 97 16.71 -4.24 -0.22
C ALA B 97 16.50 -5.71 0.14
N GLU B 98 17.38 -6.59 -0.35
CA GLU B 98 17.23 -8.01 -0.03
C GLU B 98 17.41 -8.27 1.47
N LEU B 99 18.33 -7.55 2.10
CA LEU B 99 18.53 -7.69 3.54
C LEU B 99 17.31 -7.19 4.32
N CYS B 100 16.72 -6.07 3.90
CA CYS B 100 15.50 -5.63 4.57
C CYS B 100 14.39 -6.64 4.38
N GLU B 101 14.22 -7.15 3.14
CA GLU B 101 13.18 -8.14 2.90
C GLU B 101 13.35 -9.35 3.79
N ALA B 102 14.60 -9.83 3.95
CA ALA B 102 14.81 -11.01 4.77
C ALA B 102 14.59 -10.70 6.25
N ALA B 103 15.06 -9.54 6.71
CA ALA B 103 14.89 -9.18 8.11
C ALA B 103 13.41 -9.08 8.48
N ILE B 104 12.60 -8.48 7.61
CA ILE B 104 11.19 -8.32 7.92
C ILE B 104 10.43 -9.63 7.71
N THR B 105 10.56 -10.25 6.51
CA THR B 105 9.60 -11.30 6.15
C THR B 105 9.99 -12.66 6.71
N LEU B 106 11.25 -12.89 7.00
CA LEU B 106 11.72 -14.14 7.55
C LEU B 106 12.28 -13.95 8.94
N SER B 107 12.45 -12.72 9.40
CA SER B 107 13.10 -12.41 10.68
C SER B 107 14.55 -12.87 10.70
N ASP B 108 15.23 -12.77 9.56
CA ASP B 108 16.62 -13.21 9.45
C ASP B 108 17.51 -12.35 10.36
N ASN B 109 18.23 -13.01 11.27
CA ASN B 109 18.98 -12.26 12.28
C ASN B 109 20.27 -11.64 11.75
N THR B 110 21.02 -12.37 10.93
CA THR B 110 22.22 -11.75 10.35
C THR B 110 21.83 -10.58 9.45
N ALA B 111 20.73 -10.73 8.69
CA ALA B 111 20.28 -9.62 7.85
C ALA B 111 20.08 -8.38 8.70
N ALA B 112 19.41 -8.54 9.88
CA ALA B 112 19.19 -7.41 10.74
C ALA B 112 20.51 -6.81 11.24
N ASN B 113 21.47 -7.67 11.60
CA ASN B 113 22.77 -7.18 12.04
C ASN B 113 23.49 -6.41 10.95
N LEU B 114 23.37 -6.86 9.71
CA LEU B 114 24.01 -6.12 8.63
C LEU B 114 23.35 -4.77 8.42
N LEU B 115 22.04 -4.69 8.61
CA LEU B 115 21.38 -3.37 8.54
C LEU B 115 21.88 -2.48 9.67
N LEU B 116 21.95 -3.03 10.90
CA LEU B 116 22.43 -2.24 12.04
C LEU B 116 23.84 -1.71 11.77
N ALA B 117 24.69 -2.55 11.15
CA ALA B 117 26.06 -2.13 10.84
C ALA B 117 26.10 -1.03 9.78
N SER B 118 25.03 -0.89 8.99
CA SER B 118 25.07 0.10 7.94
C SER B 118 24.75 1.50 8.44
N PHE B 119 24.20 1.65 9.67
CA PHE B 119 23.60 2.94 10.01
C PHE B 119 23.92 3.38 11.44
N GLY B 120 24.97 2.85 12.05
CA GLY B 120 25.35 3.30 13.39
C GLY B 120 24.89 2.41 14.51
N GLY B 121 24.45 1.18 14.23
CA GLY B 121 24.22 0.21 15.28
C GLY B 121 22.97 0.50 16.07
N PRO B 122 22.84 -0.19 17.22
CA PRO B 122 21.71 0.09 18.14
C PRO B 122 21.57 1.57 18.49
N ALA B 123 22.66 2.31 18.65
CA ALA B 123 22.54 3.74 18.92
C ALA B 123 21.91 4.48 17.75
N GLY B 124 22.29 4.11 16.52
CA GLY B 124 21.70 4.75 15.35
C GLY B 124 20.20 4.49 15.26
N LEU B 125 19.79 3.26 15.54
CA LEU B 125 18.36 2.94 15.52
C LEU B 125 17.62 3.72 16.61
N THR B 126 18.18 3.78 17.83
CA THR B 126 17.55 4.56 18.90
C THR B 126 17.40 6.03 18.50
N ALA B 127 18.43 6.61 17.87
CA ALA B 127 18.33 7.99 17.41
C ALA B 127 17.22 8.16 16.39
N PHE B 128 17.01 7.14 15.53
CA PHE B 128 15.90 7.22 14.58
C PHE B 128 14.57 7.25 15.31
N ALA B 129 14.39 6.39 16.32
CA ALA B 129 13.15 6.44 17.10
C ALA B 129 12.94 7.82 17.70
N ARG B 130 14.01 8.42 18.26
CA ARG B 130 13.87 9.79 18.79
C ARG B 130 13.43 10.75 17.71
N SER B 131 13.91 10.57 16.47
CA SER B 131 13.53 11.49 15.41
C SER B 131 12.06 11.37 15.06
N LEU B 132 11.42 10.25 15.39
CA LEU B 132 9.98 10.07 15.20
C LEU B 132 9.17 10.60 16.38
N GLY B 133 9.85 11.15 17.37
CA GLY B 133 9.16 11.63 18.56
C GLY B 133 9.02 10.59 19.64
N ASP B 134 9.69 9.46 19.49
CA ASP B 134 9.61 8.37 20.45
C ASP B 134 10.75 8.53 21.44
N GLU B 135 10.41 8.85 22.69
CA GLU B 135 11.45 9.04 23.72
C GLU B 135 11.68 7.79 24.56
N THR B 136 10.99 6.70 24.26
CA THR B 136 10.97 5.50 25.10
C THR B 136 11.77 4.34 24.53
N THR B 137 11.57 4.01 23.25
CA THR B 137 12.21 2.85 22.66
C THR B 137 13.73 2.98 22.71
N ARG B 138 14.39 1.88 23.00
CA ARG B 138 15.86 1.89 22.98
C ARG B 138 16.33 0.52 22.54
N LEU B 139 17.20 0.49 21.53
CA LEU B 139 17.90 -0.74 21.17
C LEU B 139 19.31 -0.61 21.70
N ASP B 140 19.79 -1.67 22.36
CA ASP B 140 21.10 -1.64 23.01
C ASP B 140 22.04 -2.71 22.48
N ARG B 141 21.52 -3.84 22.04
CA ARG B 141 22.34 -4.98 21.65
C ARG B 141 21.92 -5.43 20.26
N ILE B 142 22.78 -6.22 19.62
CA ILE B 142 22.52 -6.77 18.28
C ILE B 142 22.11 -8.24 18.42
N GLU B 143 21.69 -8.85 17.30
CA GLU B 143 21.30 -10.26 17.33
C GLU B 143 22.52 -11.14 17.58
N THR B 144 22.35 -12.22 18.36
CA THR B 144 21.11 -12.60 19.04
C THR B 144 21.22 -12.37 20.55
N GLU B 145 21.60 -11.17 20.93
CA GLU B 145 21.93 -10.85 22.31
C GLU B 145 20.84 -10.12 23.07
N LEU B 146 19.73 -9.75 22.39
CA LEU B 146 18.75 -8.87 22.97
C LEU B 146 17.46 -9.58 23.42
N ASN B 147 17.42 -10.91 23.44
CA ASN B 147 16.14 -11.64 23.55
C ASN B 147 15.89 -12.33 24.88
N GLU B 148 16.71 -12.10 25.91
N GLU B 148 16.71 -12.07 25.91
CA GLU B 148 16.52 -12.84 27.16
CA GLU B 148 16.55 -12.80 27.17
C GLU B 148 15.35 -12.32 27.99
C GLU B 148 15.35 -12.33 27.97
N ALA B 149 14.97 -11.05 27.85
CA ALA B 149 13.79 -10.50 28.51
C ALA B 149 13.90 -10.59 30.04
N LEU B 150 15.10 -10.30 30.59
CA LEU B 150 15.27 -10.37 32.05
C LEU B 150 14.32 -9.41 32.72
N ALA B 151 13.88 -9.79 33.92
CA ALA B 151 12.85 -9.01 34.60
C ALA B 151 13.33 -7.58 34.85
N GLY B 152 12.49 -6.60 34.46
CA GLY B 152 12.77 -5.19 34.67
C GLY B 152 13.84 -4.60 33.78
N ASP B 153 14.45 -5.38 32.88
CA ASP B 153 15.58 -4.85 32.10
C ASP B 153 15.08 -3.84 31.09
N PRO B 154 15.54 -2.58 31.12
CA PRO B 154 15.10 -1.61 30.12
C PRO B 154 15.80 -1.72 28.79
N ARG B 155 16.88 -2.50 28.70
CA ARG B 155 17.56 -2.59 27.42
C ARG B 155 16.66 -3.24 26.39
N ASP B 156 16.77 -2.77 25.16
CA ASP B 156 16.07 -3.43 24.04
C ASP B 156 14.56 -3.49 24.25
N THR B 157 13.98 -2.38 24.72
CA THR B 157 12.54 -2.33 25.02
C THR B 157 11.84 -1.22 24.24
N THR B 158 10.51 -1.36 24.17
CA THR B 158 9.62 -0.31 23.70
C THR B 158 8.39 -0.32 24.62
N SER B 159 7.43 0.55 24.35
CA SER B 159 6.13 0.46 25.00
C SER B 159 5.09 0.24 23.90
N PRO B 160 3.92 -0.33 24.25
CA PRO B 160 2.90 -0.50 23.19
C PRO B 160 2.53 0.81 22.53
N ARG B 161 2.41 1.89 23.31
CA ARG B 161 2.09 3.19 22.74
C ARG B 161 3.19 3.71 21.81
N ALA B 162 4.45 3.70 22.28
CA ALA B 162 5.51 4.30 21.49
C ALA B 162 5.70 3.55 20.17
N MET B 163 5.69 2.22 20.21
CA MET B 163 5.86 1.48 18.95
C MET B 163 4.66 1.66 18.03
N ALA B 164 3.45 1.78 18.60
CA ALA B 164 2.29 1.98 17.73
C ALA B 164 2.39 3.32 17.00
N GLN B 165 2.79 4.37 17.71
CA GLN B 165 2.94 5.66 17.03
C GLN B 165 4.05 5.62 15.99
N ASP B 166 5.15 4.90 16.28
CA ASP B 166 6.22 4.76 15.28
C ASP B 166 5.72 4.02 14.05
N LEU B 167 5.02 2.90 14.25
CA LEU B 167 4.52 2.14 13.12
C LEU B 167 3.52 2.96 12.31
N ARG B 168 2.67 3.75 12.98
CA ARG B 168 1.75 4.64 12.23
C ARG B 168 2.53 5.63 11.36
N ALA B 169 3.56 6.27 11.94
CA ALA B 169 4.31 7.28 11.20
C ALA B 169 4.94 6.66 9.94
N LEU B 170 5.48 5.44 10.09
CA LEU B 170 6.23 4.80 9.00
C LEU B 170 5.31 4.25 7.92
N THR B 171 4.20 3.62 8.32
CA THR B 171 3.39 2.86 7.35
C THR B 171 2.19 3.61 6.82
N LEU B 172 1.74 4.66 7.52
CA LEU B 172 0.53 5.41 7.15
C LEU B 172 0.82 6.90 7.01
N GLY B 173 1.74 7.42 7.81
CA GLY B 173 2.06 8.83 7.83
C GLY B 173 3.21 9.15 6.91
N ASP B 174 3.91 10.23 7.21
CA ASP B 174 4.92 10.76 6.29
C ASP B 174 6.33 10.72 6.85
N ALA B 175 6.64 9.77 7.73
CA ALA B 175 8.04 9.61 8.12
C ALA B 175 8.90 9.22 6.93
N LEU B 176 8.31 8.52 5.97
CA LEU B 176 9.00 8.08 4.75
C LEU B 176 8.37 8.75 3.52
N SER B 177 9.13 8.75 2.43
CA SER B 177 8.59 9.22 1.16
C SER B 177 7.52 8.25 0.67
N PRO B 178 6.69 8.66 -0.30
CA PRO B 178 5.70 7.70 -0.85
C PRO B 178 6.35 6.44 -1.36
N ALA B 179 7.51 6.53 -2.04
CA ALA B 179 8.15 5.31 -2.54
C ALA B 179 8.61 4.42 -1.38
N SER B 180 9.19 5.02 -0.34
CA SER B 180 9.72 4.22 0.76
C SER B 180 8.59 3.65 1.64
N ARG B 181 7.51 4.42 1.84
CA ARG B 181 6.36 3.87 2.57
C ARG B 181 5.79 2.66 1.83
N ALA B 182 5.66 2.76 0.49
CA ALA B 182 5.17 1.63 -0.29
C ALA B 182 6.10 0.43 -0.14
N GLN B 183 7.41 0.67 -0.12
CA GLN B 183 8.31 -0.46 0.01
C GLN B 183 8.18 -1.11 1.39
N LEU B 184 8.06 -0.31 2.45
CA LEU B 184 7.97 -0.87 3.81
C LEU B 184 6.69 -1.68 3.96
N ILE B 185 5.56 -1.15 3.44
CA ILE B 185 4.33 -1.92 3.60
C ILE B 185 4.33 -3.17 2.74
N THR B 186 5.01 -3.14 1.60
CA THR B 186 5.13 -4.35 0.79
C THR B 186 5.85 -5.44 1.58
N TRP B 187 6.93 -5.09 2.25
CA TRP B 187 7.66 -6.08 3.06
C TRP B 187 6.78 -6.57 4.21
N LEU B 188 6.12 -5.66 4.92
CA LEU B 188 5.30 -6.09 6.06
C LEU B 188 4.16 -6.98 5.61
N LYS B 189 3.53 -6.67 4.46
CA LYS B 189 2.42 -7.50 4.02
C LYS B 189 2.90 -8.89 3.63
N ALA B 190 4.18 -9.00 3.23
CA ALA B 190 4.74 -10.27 2.81
C ALA B 190 5.32 -11.07 3.97
N ASN B 191 5.11 -10.64 5.24
CA ASN B 191 5.68 -11.37 6.36
C ASN B 191 5.18 -12.80 6.37
N THR B 192 6.08 -13.74 6.66
CA THR B 192 5.73 -15.16 6.70
C THR B 192 5.61 -15.74 8.09
N THR B 193 5.96 -14.98 9.16
CA THR B 193 6.08 -15.55 10.49
C THR B 193 4.87 -15.27 11.38
N GLY B 194 3.84 -14.60 10.87
CA GLY B 194 2.76 -14.12 11.70
C GLY B 194 1.44 -14.85 11.58
N GLY B 195 1.42 -16.04 10.95
CA GLY B 195 0.17 -16.73 10.64
C GLY B 195 -0.65 -17.18 11.83
N THR B 196 -0.05 -17.30 13.03
CA THR B 196 -0.75 -17.76 14.22
C THR B 196 -1.01 -16.64 15.21
N ARG B 197 -0.66 -15.41 14.89
CA ARG B 197 -0.80 -14.27 15.80
C ARG B 197 -1.90 -13.34 15.29
N LEU B 198 -1.67 -12.03 15.14
CA LEU B 198 -2.79 -11.13 14.83
C LEU B 198 -3.55 -11.56 13.57
N ARG B 199 -2.83 -12.04 12.54
CA ARG B 199 -3.49 -12.45 11.29
C ARG B 199 -4.54 -13.50 11.52
N ALA B 200 -4.35 -14.36 12.55
CA ALA B 200 -5.28 -15.43 12.81
C ALA B 200 -6.54 -14.94 13.52
N GLY B 201 -6.55 -13.71 14.06
CA GLY B 201 -7.73 -13.27 14.80
C GLY B 201 -8.55 -12.19 14.12
N VAL B 202 -7.95 -11.46 13.19
CA VAL B 202 -8.65 -10.33 12.57
C VAL B 202 -9.60 -10.79 11.45
N PRO B 203 -10.55 -9.96 11.03
CA PRO B 203 -11.43 -10.34 9.90
C PRO B 203 -10.62 -10.65 8.65
N PRO B 204 -10.97 -11.70 7.91
CA PRO B 204 -10.20 -12.07 6.71
C PRO B 204 -10.17 -11.02 5.63
N GLY B 205 -11.15 -10.10 5.60
CA GLY B 205 -11.13 -9.05 4.58
C GLY B 205 -10.10 -7.97 4.83
N TRP B 206 -9.53 -7.87 6.03
CA TRP B 206 -8.56 -6.83 6.29
C TRP B 206 -7.22 -7.20 5.66
N THR B 207 -6.58 -6.22 5.03
CA THR B 207 -5.20 -6.41 4.60
C THR B 207 -4.27 -6.19 5.80
N VAL B 208 -3.22 -7.04 5.93
CA VAL B 208 -2.36 -7.04 7.13
C VAL B 208 -0.89 -6.94 6.74
N GLY B 209 -0.17 -6.03 7.38
CA GLY B 209 1.30 -6.09 7.40
C GLY B 209 1.73 -6.23 8.86
N ASP B 210 2.72 -7.10 9.12
CA ASP B 210 3.05 -7.30 10.52
C ASP B 210 4.52 -7.72 10.66
N LYS B 211 5.02 -7.60 11.90
CA LYS B 211 6.32 -8.13 12.29
C LYS B 211 6.20 -8.75 13.67
N THR B 212 6.66 -9.98 13.82
CA THR B 212 6.67 -10.69 15.10
C THR B 212 7.98 -10.55 15.86
N GLY B 213 7.92 -10.96 17.13
CA GLY B 213 9.12 -11.21 17.92
C GLY B 213 8.80 -12.28 18.94
N THR B 214 9.82 -13.04 19.34
CA THR B 214 9.68 -14.15 20.27
C THR B 214 10.96 -14.22 21.09
N GLY B 215 10.84 -14.42 22.41
CA GLY B 215 12.01 -14.40 23.28
C GLY B 215 11.84 -15.26 24.51
N GLY B 216 12.84 -15.17 25.39
CA GLY B 216 12.84 -15.99 26.57
C GLY B 216 11.85 -15.45 27.59
N ARG B 217 11.73 -16.18 28.70
N ARG B 217 11.73 -16.18 28.70
CA ARG B 217 10.79 -15.80 29.77
CA ARG B 217 10.80 -15.82 29.77
C ARG B 217 9.38 -15.59 29.22
C ARG B 217 9.39 -15.60 29.24
N GLY B 218 8.98 -16.44 28.29
CA GLY B 218 7.59 -16.39 27.83
C GLY B 218 7.24 -15.10 27.11
N THR B 219 8.08 -14.71 26.12
CA THR B 219 7.87 -13.46 25.38
C THR B 219 7.41 -13.76 23.96
N ALA B 220 6.34 -13.10 23.57
CA ALA B 220 5.77 -13.26 22.22
C ALA B 220 5.10 -11.95 21.84
N ASN B 221 5.47 -11.39 20.67
CA ASN B 221 5.04 -10.07 20.26
C ASN B 221 4.54 -10.11 18.83
N ASP B 222 3.69 -9.15 18.48
CA ASP B 222 3.32 -8.96 17.08
C ASP B 222 2.86 -7.51 16.93
N ILE B 223 3.39 -6.80 15.92
CA ILE B 223 2.98 -5.43 15.65
C ILE B 223 2.48 -5.37 14.21
N ALA B 224 1.36 -4.69 14.00
CA ALA B 224 0.71 -4.74 12.69
C ALA B 224 0.06 -3.43 12.30
N VAL B 225 -0.01 -3.25 10.99
CA VAL B 225 -0.84 -2.24 10.34
C VAL B 225 -1.95 -3.00 9.63
N LEU B 226 -3.20 -2.54 9.80
CA LEU B 226 -4.37 -3.29 9.35
C LEU B 226 -5.25 -2.36 8.53
N TRP B 227 -5.68 -2.82 7.35
CA TRP B 227 -6.50 -1.98 6.47
C TRP B 227 -7.84 -2.62 6.21
N PRO B 228 -8.91 -2.18 6.87
CA PRO B 228 -10.27 -2.54 6.45
C PRO B 228 -10.61 -1.93 5.09
N LEU B 229 -11.67 -2.44 4.46
CA LEU B 229 -11.97 -2.06 3.07
C LEU B 229 -12.24 -0.56 2.93
N GLN B 230 -13.11 -0.02 3.78
CA GLN B 230 -13.60 1.34 3.58
C GLN B 230 -13.70 2.11 4.87
N ARG B 231 -12.90 1.74 5.87
N ARG B 231 -12.95 1.70 5.90
CA ARG B 231 -12.84 2.52 7.10
CA ARG B 231 -12.83 2.50 7.11
C ARG B 231 -11.36 2.62 7.47
C ARG B 231 -11.35 2.63 7.46
N ALA B 232 -11.09 3.45 8.46
CA ALA B 232 -9.72 3.92 8.74
C ALA B 232 -8.77 2.75 9.04
N PRO B 233 -7.54 2.81 8.54
CA PRO B 233 -6.52 1.85 8.97
C PRO B 233 -6.33 1.89 10.48
N LEU B 234 -5.83 0.75 10.99
CA LEU B 234 -5.52 0.66 12.42
C LEU B 234 -4.09 0.19 12.60
N ILE B 235 -3.48 0.62 13.70
CA ILE B 235 -2.20 0.07 14.17
C ILE B 235 -2.49 -0.71 15.44
N VAL B 236 -1.97 -1.94 15.53
CA VAL B 236 -2.13 -2.75 16.73
C VAL B 236 -0.77 -3.26 17.14
N THR B 237 -0.41 -3.02 18.38
CA THR B 237 0.85 -3.55 18.90
C THR B 237 0.51 -4.51 20.04
N VAL B 238 1.15 -5.68 20.06
CA VAL B 238 0.91 -6.65 21.14
C VAL B 238 2.27 -7.17 21.64
N TYR B 239 2.51 -6.98 22.94
CA TYR B 239 3.73 -7.42 23.59
C TYR B 239 3.32 -8.25 24.80
N LEU B 240 3.70 -9.53 24.80
CA LEU B 240 3.44 -10.42 25.92
C LEU B 240 4.78 -10.88 26.47
N THR B 241 4.98 -10.75 27.77
CA THR B 241 6.25 -11.20 28.35
C THR B 241 6.00 -11.76 29.75
N GLY B 242 6.85 -12.70 30.18
CA GLY B 242 6.63 -13.41 31.44
C GLY B 242 5.52 -14.42 31.40
N ALA B 243 5.05 -14.83 30.22
CA ALA B 243 3.93 -15.77 30.16
C ALA B 243 4.38 -17.14 30.63
N THR B 244 3.50 -17.85 31.34
CA THR B 244 3.78 -19.21 31.79
C THR B 244 3.03 -20.26 30.99
N VAL B 245 2.15 -19.85 30.09
CA VAL B 245 1.48 -20.78 29.19
C VAL B 245 2.41 -21.15 28.03
N VAL B 246 2.08 -22.26 27.35
CA VAL B 246 2.94 -22.78 26.28
C VAL B 246 2.95 -21.83 25.08
N ARG B 247 3.93 -22.02 24.16
CA ARG B 247 4.02 -21.13 23.01
C ARG B 247 2.74 -21.07 22.19
N ASP B 248 2.09 -22.21 21.95
CA ASP B 248 0.88 -22.21 21.14
C ASP B 248 -0.20 -21.34 21.77
N GLN B 249 -0.25 -21.33 23.11
N GLN B 249 -0.24 -21.34 23.11
CA GLN B 249 -1.23 -20.52 23.81
CA GLN B 249 -1.23 -20.53 23.82
C GLN B 249 -0.86 -19.05 23.80
C GLN B 249 -0.85 -19.06 23.82
N GLN B 250 0.44 -18.75 23.81
CA GLN B 250 0.87 -17.36 23.65
C GLN B 250 0.42 -16.82 22.30
N ASN B 251 0.56 -17.63 21.24
CA ASN B 251 0.11 -17.21 19.91
C ASN B 251 -1.39 -16.98 19.90
N LYS B 252 -2.15 -17.86 20.56
CA LYS B 252 -3.60 -17.72 20.57
C LYS B 252 -4.03 -16.47 21.34
N ILE B 253 -3.32 -16.13 22.42
CA ILE B 253 -3.58 -14.88 23.13
C ILE B 253 -3.46 -13.69 22.18
N ILE B 254 -2.40 -13.64 21.39
CA ILE B 254 -2.24 -12.52 20.46
C ILE B 254 -3.33 -12.53 19.38
N ALA B 255 -3.66 -13.70 18.83
CA ALA B 255 -4.78 -13.76 17.89
C ALA B 255 -6.07 -13.26 18.55
N ASP B 256 -6.28 -13.62 19.83
CA ASP B 256 -7.49 -13.18 20.51
C ASP B 256 -7.52 -11.67 20.66
N VAL B 257 -6.35 -11.04 20.84
CA VAL B 257 -6.33 -9.58 20.85
C VAL B 257 -6.82 -9.02 19.53
N GLY B 258 -6.32 -9.59 18.41
CA GLY B 258 -6.80 -9.16 17.11
C GLY B 258 -8.31 -9.31 16.95
N ALA B 259 -8.86 -10.43 17.41
CA ALA B 259 -10.31 -10.63 17.34
C ALA B 259 -11.06 -9.60 18.18
N ALA B 260 -10.48 -9.22 19.34
CA ALA B 260 -11.11 -8.23 20.20
C ALA B 260 -11.11 -6.83 19.58
N VAL B 261 -10.05 -6.48 18.85
CA VAL B 261 -10.03 -5.18 18.19
C VAL B 261 -11.17 -5.09 17.19
N ALA B 262 -11.40 -6.16 16.42
CA ALA B 262 -12.47 -6.09 15.43
C ALA B 262 -13.84 -6.17 16.08
N GLY B 263 -13.95 -6.91 17.19
CA GLY B 263 -15.25 -7.04 17.83
C GLY B 263 -15.71 -5.78 18.50
N ALA B 264 -14.79 -4.87 18.82
CA ALA B 264 -15.17 -3.60 19.44
C ALA B 264 -15.82 -2.64 18.45
N MET B 265 -15.79 -2.95 17.15
CA MET B 265 -16.43 -2.11 16.14
C MET B 265 -17.92 -2.38 15.98
O1 PG4 C . -21.42 3.13 2.38
C1 PG4 C . -22.48 2.59 1.53
C2 PG4 C . -23.67 3.57 1.56
O2 PG4 C . -24.59 3.24 0.51
C3 PG4 C . -25.21 1.98 0.72
C4 PG4 C . -26.53 1.78 -0.01
O3 PG4 C . -26.27 0.90 -1.11
C5 PG4 C . -25.90 -0.40 -0.63
C6 PG4 C . -25.83 -1.47 -1.72
O4 PG4 C . -26.76 -2.52 -1.29
C7 PG4 C . -26.54 -3.74 -1.97
C8 PG4 C . -27.29 -4.90 -1.34
O5 PG4 C . -26.33 -5.98 -1.23
C1 PEG D . -11.28 -11.59 1.37
O1 PEG D . -12.49 -11.48 2.16
C2 PEG D . -11.28 -10.63 0.19
O2 PEG D . -9.93 -10.48 -0.31
C3 PEG D . -9.49 -11.45 -1.27
C4 PEG D . -8.10 -11.08 -1.79
O4 PEG D . -7.56 -12.09 -2.65
C FMT E . -12.46 9.71 -21.18
O1 FMT E . -12.53 8.61 -20.80
O2 FMT E . -11.47 10.03 -21.77
C1 EDO F . -15.04 12.26 -18.32
O1 EDO F . -16.09 12.95 -19.04
C2 EDO F . -13.72 12.24 -19.07
O2 EDO F . -12.70 11.69 -18.26
CL CL G . 0.57 6.97 -1.55
CL CL H . -12.76 -5.63 5.03
C1 EDO I . 8.85 -14.17 16.16
O1 EDO I . 8.38 -15.49 16.10
C2 EDO I . 10.25 -14.18 15.70
O2 EDO I . 10.16 -13.16 14.76
C FMT J . 13.02 -13.27 17.80
O1 FMT J . 12.28 -12.34 18.03
O2 FMT J . 14.18 -13.06 17.38
CL CL K . -0.75 8.09 21.95
#